data_4P90
#
_entry.id   4P90
#
_cell.length_a   62.400
_cell.length_b   83.360
_cell.length_c   66.020
_cell.angle_alpha   90.00
_cell.angle_beta   105.04
_cell.angle_gamma   90.00
#
_symmetry.space_group_name_H-M   'P 1 21 1'
#
loop_
_entity.id
_entity.type
_entity.pdbx_description
1 polymer 'Serine/threonine-protein kinase PAK 1'
2 non-polymer [2-chloro-5-(hydroxymethyl)phenyl]{5-[1-(piperidin-4-yl)-1H-pyrazol-4-yl]-1H-pyrrolo[2,3-b]pyridin-3-yl}methanone
3 water water
#
_entity_poly.entity_id   1
_entity_poly.type   'polypeptide(L)'
_entity_poly.pdbx_seq_one_letter_code
;SDEEILEKLRSIVSVGDPKKKYTRFEKIGQGASGTVYTAMDVATGQEVAIKQMNLQQQPKKELIINEILVMRENKNPNIV
NYLDSYLVGDELWVVMEYLAGGSLTDVVTETCMDEGQIAAVCRECLQALEFLHSNQVIHRNIKSDNILLGMDGSVKLTDF
GFCAQITPEQSKRSEMVGTPYWMAPEVVTRKAYGPKVDIWSLGIMAIEMIEGEPPYLNENPLRALYLIATNGTPELQNPE
KLSAIFRDFLNRCLDMDVEKRGSAKELLQHQFLKIAKPLSSLTPLIAAAKEATKNNH
;
_entity_poly.pdbx_strand_id   A,B
#
# COMPACT_ATOMS: atom_id res chain seq x y z
N ASP A 2 -5.84 -45.05 8.35
CA ASP A 2 -6.32 -46.41 8.62
C ASP A 2 -5.56 -47.09 9.77
N GLU A 3 -6.24 -48.02 10.48
CA GLU A 3 -5.81 -48.83 11.64
C GLU A 3 -4.33 -49.24 11.68
N GLU A 4 -3.71 -49.51 10.51
CA GLU A 4 -2.30 -49.89 10.37
C GLU A 4 -1.36 -48.75 10.78
N ILE A 5 -1.67 -47.50 10.37
CA ILE A 5 -0.91 -46.28 10.68
C ILE A 5 -1.14 -45.89 12.16
N LEU A 6 -2.38 -46.08 12.66
CA LEU A 6 -2.78 -45.82 14.04
C LEU A 6 -2.05 -46.76 15.00
N GLU A 7 -1.83 -48.02 14.57
CA GLU A 7 -1.11 -49.04 15.33
C GLU A 7 0.37 -48.69 15.45
N LYS A 8 0.94 -48.16 14.35
CA LYS A 8 2.34 -47.71 14.29
C LYS A 8 2.51 -46.52 15.23
N LEU A 9 1.55 -45.56 15.19
CA LEU A 9 1.51 -44.36 16.03
C LEU A 9 1.34 -44.75 17.50
N ARG A 10 0.49 -45.75 17.80
CA ARG A 10 0.26 -46.24 19.16
C ARG A 10 1.52 -46.92 19.74
N SER A 11 2.33 -47.59 18.89
CA SER A 11 3.57 -48.25 19.29
C SER A 11 4.70 -47.26 19.59
N ILE A 12 4.56 -46.03 19.08
CA ILE A 12 5.52 -44.95 19.26
C ILE A 12 5.26 -44.12 20.56
N VAL A 13 3.99 -43.78 20.84
CA VAL A 13 3.57 -43.04 22.05
C VAL A 13 3.89 -43.81 23.36
N SER A 14 3.98 -43.10 24.48
CA SER A 14 4.23 -43.73 25.78
C SER A 14 2.93 -44.27 26.36
N VAL A 15 3.04 -45.23 27.27
CA VAL A 15 1.89 -45.78 27.99
C VAL A 15 1.89 -45.17 29.39
N GLY A 16 0.76 -45.29 30.09
CA GLY A 16 0.59 -44.73 31.41
C GLY A 16 -0.15 -43.41 31.35
N ASP A 17 -0.78 -43.06 32.47
CA ASP A 17 -1.59 -41.86 32.63
C ASP A 17 -0.73 -40.59 32.65
N PRO A 18 -0.86 -39.69 31.64
CA PRO A 18 -0.07 -38.43 31.68
C PRO A 18 -0.57 -37.48 32.79
N LYS A 19 -1.88 -37.62 33.14
CA LYS A 19 -2.58 -36.87 34.17
C LYS A 19 -2.01 -37.22 35.55
N LYS A 20 -1.33 -38.39 35.66
CA LYS A 20 -0.67 -38.87 36.86
C LYS A 20 0.81 -38.47 36.93
N LYS A 21 1.49 -38.32 35.76
CA LYS A 21 2.90 -37.90 35.71
C LYS A 21 3.06 -36.39 35.77
N TYR A 22 2.16 -35.64 35.13
CA TYR A 22 2.22 -34.18 35.10
C TYR A 22 1.07 -33.52 35.85
N THR A 23 1.33 -32.37 36.52
CA THR A 23 0.31 -31.63 37.28
C THR A 23 0.38 -30.13 36.95
N ARG A 24 -0.53 -29.33 37.55
CA ARG A 24 -0.64 -27.87 37.41
C ARG A 24 -0.81 -27.45 35.95
N PHE A 25 -1.81 -28.03 35.25
CA PHE A 25 -2.10 -27.73 33.85
C PHE A 25 -2.68 -26.33 33.74
N GLU A 26 -2.07 -25.51 32.87
CA GLU A 26 -2.48 -24.12 32.64
C GLU A 26 -2.43 -23.81 31.16
N LYS A 27 -3.60 -23.53 30.56
CA LYS A 27 -3.73 -23.20 29.13
C LYS A 27 -2.97 -21.93 28.79
N ILE A 28 -2.15 -21.97 27.71
CA ILE A 28 -1.36 -20.82 27.26
C ILE A 28 -1.53 -20.51 25.72
N GLY A 29 -2.42 -21.22 24.99
CA GLY A 29 -2.64 -20.96 23.56
C GLY A 29 -3.63 -21.85 22.83
N GLN A 30 -4.02 -21.43 21.60
CA GLN A 30 -4.96 -22.11 20.69
C GLN A 30 -4.61 -21.85 19.24
N GLY A 31 -4.54 -22.91 18.45
CA GLY A 31 -4.18 -22.83 17.04
C GLY A 31 -4.72 -23.93 16.17
N ALA A 32 -4.22 -23.98 14.91
CA ALA A 32 -4.57 -24.93 13.86
C ALA A 32 -4.30 -26.39 14.27
N SER A 33 -3.18 -26.62 14.99
CA SER A 33 -2.77 -27.95 15.45
C SER A 33 -3.54 -28.42 16.68
N GLY A 34 -3.47 -27.65 17.77
CA GLY A 34 -4.16 -27.96 19.03
C GLY A 34 -4.02 -26.92 20.11
N THR A 35 -4.27 -27.33 21.37
CA THR A 35 -4.20 -26.47 22.56
C THR A 35 -2.90 -26.72 23.35
N VAL A 36 -2.16 -25.63 23.70
CA VAL A 36 -0.90 -25.69 24.46
C VAL A 36 -1.11 -25.36 25.94
N TYR A 37 -0.62 -26.24 26.82
CA TYR A 37 -0.68 -26.12 28.27
C TYR A 37 0.73 -26.09 28.85
N THR A 38 0.86 -25.56 30.07
CA THR A 38 2.08 -25.57 30.84
C THR A 38 1.84 -26.59 31.97
N ALA A 39 2.88 -27.33 32.39
CA ALA A 39 2.77 -28.34 33.46
C ALA A 39 4.13 -28.57 34.18
N MET A 40 4.16 -29.42 35.23
CA MET A 40 5.36 -29.71 36.05
C MET A 40 5.37 -31.17 36.47
N GLU A 47 9.57 -27.67 34.57
CA GLU A 47 8.42 -27.10 33.88
C GLU A 47 8.41 -27.52 32.40
N VAL A 48 7.26 -28.03 31.95
CA VAL A 48 7.08 -28.54 30.58
C VAL A 48 5.92 -27.88 29.84
N ALA A 49 5.93 -27.98 28.51
CA ALA A 49 4.88 -27.47 27.63
C ALA A 49 4.25 -28.67 26.92
N ILE A 50 2.92 -28.82 27.06
CA ILE A 50 2.16 -29.94 26.48
C ILE A 50 1.12 -29.46 25.45
N LYS A 51 1.23 -29.95 24.21
CA LYS A 51 0.31 -29.66 23.13
C LYS A 51 -0.67 -30.82 22.98
N GLN A 52 -1.97 -30.56 23.23
CA GLN A 52 -3.06 -31.52 23.10
C GLN A 52 -3.76 -31.30 21.78
N MET A 53 -3.94 -32.39 21.00
CA MET A 53 -4.59 -32.29 19.69
C MET A 53 -5.55 -33.46 19.36
N LYS A 61 -1.75 -38.15 9.35
CA LYS A 61 -1.69 -39.54 9.82
C LYS A 61 -0.23 -40.01 9.93
N GLU A 62 0.41 -40.28 8.77
CA GLU A 62 1.81 -40.70 8.65
C GLU A 62 2.74 -39.53 9.06
N LEU A 63 2.19 -38.28 9.05
CA LEU A 63 2.88 -37.02 9.38
C LEU A 63 3.17 -36.89 10.88
N ILE A 64 2.24 -37.35 11.73
CA ILE A 64 2.43 -37.31 13.18
C ILE A 64 3.56 -38.28 13.58
N ILE A 65 3.66 -39.45 12.89
CA ILE A 65 4.69 -40.47 13.05
C ILE A 65 6.05 -39.90 12.62
N ASN A 66 6.14 -39.33 11.40
CA ASN A 66 7.36 -38.68 10.89
C ASN A 66 7.85 -37.61 11.87
N GLU A 67 6.93 -36.79 12.44
CA GLU A 67 7.27 -35.72 13.36
C GLU A 67 7.85 -36.21 14.69
N ILE A 68 7.20 -37.22 15.31
CA ILE A 68 7.67 -37.76 16.58
C ILE A 68 9.03 -38.43 16.36
N LEU A 69 9.13 -39.26 15.31
CA LEU A 69 10.38 -39.95 14.99
C LEU A 69 11.54 -38.99 14.74
N VAL A 70 11.36 -37.99 13.83
CA VAL A 70 12.39 -36.99 13.51
C VAL A 70 12.82 -36.22 14.78
N MET A 71 11.91 -35.89 15.66
CA MET A 71 12.23 -35.15 16.89
C MET A 71 13.01 -35.97 17.92
N ARG A 72 12.70 -37.27 18.12
CA ARG A 72 13.42 -38.14 19.07
C ARG A 72 14.86 -38.37 18.59
N GLU A 73 15.02 -38.55 17.27
CA GLU A 73 16.26 -38.86 16.57
C GLU A 73 17.21 -37.68 16.35
N ASN A 74 16.70 -36.44 16.48
CA ASN A 74 17.49 -35.25 16.20
C ASN A 74 17.49 -34.25 17.33
N LYS A 75 18.05 -34.66 18.49
CA LYS A 75 18.17 -33.78 19.65
C LYS A 75 19.40 -32.87 19.44
N ASN A 76 19.22 -31.58 19.71
CA ASN A 76 20.28 -30.58 19.57
C ASN A 76 19.97 -29.41 20.53
N PRO A 77 20.99 -28.67 21.06
CA PRO A 77 20.65 -27.53 21.94
C PRO A 77 19.84 -26.40 21.29
N ASN A 78 19.83 -26.30 19.94
CA ASN A 78 19.07 -25.26 19.24
C ASN A 78 17.73 -25.77 18.70
N ILE A 79 17.28 -26.94 19.23
CA ILE A 79 16.00 -27.57 18.91
C ILE A 79 15.24 -27.80 20.21
N VAL A 80 13.96 -27.32 20.31
CA VAL A 80 13.13 -27.51 21.50
C VAL A 80 13.10 -29.01 21.79
N ASN A 81 13.44 -29.39 23.01
CA ASN A 81 13.53 -30.79 23.41
C ASN A 81 12.18 -31.49 23.41
N TYR A 82 12.05 -32.59 22.60
CA TYR A 82 10.88 -33.46 22.60
C TYR A 82 11.08 -34.37 23.80
N LEU A 83 10.10 -34.41 24.71
CA LEU A 83 10.19 -35.25 25.91
C LEU A 83 9.40 -36.54 25.79
N ASP A 84 8.04 -36.44 25.69
CA ASP A 84 7.16 -37.60 25.55
C ASP A 84 5.89 -37.28 24.72
N SER A 85 5.16 -38.32 24.35
CA SER A 85 3.86 -38.25 23.69
C SER A 85 2.95 -39.33 24.25
N TYR A 86 1.63 -39.04 24.29
CA TYR A 86 0.61 -39.95 24.84
C TYR A 86 -0.66 -39.90 24.01
N LEU A 87 -1.34 -41.05 23.89
CA LEU A 87 -2.63 -41.14 23.21
C LEU A 87 -3.69 -41.21 24.27
N GLU A 91 -6.61 -35.89 22.25
CA GLU A 91 -6.36 -37.27 21.86
C GLU A 91 -4.87 -37.61 21.80
N LEU A 92 -4.05 -36.71 21.19
CA LEU A 92 -2.60 -36.88 21.11
C LEU A 92 -1.91 -35.73 21.88
N TRP A 93 -1.17 -36.07 22.94
CA TRP A 93 -0.48 -35.08 23.76
C TRP A 93 1.02 -35.17 23.53
N VAL A 94 1.67 -34.05 23.16
CA VAL A 94 3.11 -33.96 22.92
C VAL A 94 3.75 -33.08 23.99
N VAL A 95 4.64 -33.66 24.80
CA VAL A 95 5.36 -33.01 25.90
C VAL A 95 6.72 -32.52 25.42
N MET A 96 6.95 -31.21 25.52
CA MET A 96 8.18 -30.54 25.14
C MET A 96 8.76 -29.74 26.30
N GLU A 97 10.06 -29.36 26.19
CA GLU A 97 10.65 -28.45 27.18
C GLU A 97 9.92 -27.11 27.04
N TYR A 98 9.78 -26.39 28.16
CA TYR A 98 9.08 -25.11 28.12
C TYR A 98 10.06 -23.98 27.98
N LEU A 99 9.79 -23.12 27.00
CA LEU A 99 10.57 -21.93 26.72
C LEU A 99 9.65 -20.76 27.04
N ALA A 100 9.82 -20.23 28.25
CA ALA A 100 9.00 -19.20 28.85
C ALA A 100 9.00 -17.82 28.18
N GLY A 101 10.00 -17.56 27.36
CA GLY A 101 10.13 -16.27 26.67
C GLY A 101 9.27 -16.10 25.45
N GLY A 102 8.46 -17.11 25.13
CA GLY A 102 7.53 -17.11 24.02
C GLY A 102 8.19 -17.22 22.67
N SER A 103 7.49 -16.78 21.62
CA SER A 103 7.99 -16.88 20.25
C SER A 103 8.74 -15.65 19.75
N LEU A 104 9.54 -15.84 18.70
CA LEU A 104 10.25 -14.76 18.02
C LEU A 104 9.23 -13.84 17.32
N THR A 105 8.05 -14.36 16.93
CA THR A 105 7.00 -13.54 16.29
C THR A 105 6.64 -12.35 17.18
N ASP A 106 6.43 -12.60 18.46
CA ASP A 106 6.07 -11.58 19.45
C ASP A 106 7.14 -10.50 19.54
N VAL A 107 8.40 -10.90 19.47
CA VAL A 107 9.55 -9.99 19.49
C VAL A 107 9.62 -9.19 18.17
N VAL A 108 9.52 -9.86 17.01
CA VAL A 108 9.61 -9.18 15.72
C VAL A 108 8.47 -8.19 15.45
N THR A 109 7.25 -8.49 15.90
CA THR A 109 6.11 -7.61 15.65
C THR A 109 6.00 -6.44 16.63
N GLU A 110 6.62 -6.56 17.82
CA GLU A 110 6.43 -5.57 18.88
C GLU A 110 7.66 -4.79 19.25
N THR A 111 8.83 -5.16 18.70
CA THR A 111 10.07 -4.48 19.03
C THR A 111 10.89 -4.20 17.79
N CYS A 112 11.90 -3.31 17.95
CA CYS A 112 12.93 -2.94 17.00
C CYS A 112 14.19 -3.68 17.42
N MET A 113 14.62 -4.66 16.65
CA MET A 113 15.84 -5.42 16.97
C MET A 113 17.00 -4.74 16.31
N ASP A 114 18.15 -4.67 16.98
CA ASP A 114 19.34 -4.10 16.36
C ASP A 114 20.09 -5.23 15.66
N GLU A 115 21.08 -4.89 14.84
CA GLU A 115 21.87 -5.84 14.07
C GLU A 115 22.60 -6.90 14.91
N GLY A 116 23.04 -6.51 16.10
CA GLY A 116 23.71 -7.41 17.02
C GLY A 116 22.76 -8.48 17.53
N GLN A 117 21.49 -8.10 17.80
CA GLN A 117 20.45 -9.03 18.28
C GLN A 117 19.99 -9.97 17.14
N ILE A 118 19.83 -9.43 15.90
CA ILE A 118 19.45 -10.20 14.71
C ILE A 118 20.52 -11.25 14.42
N ALA A 119 21.82 -10.84 14.43
CA ALA A 119 22.95 -11.73 14.20
C ALA A 119 22.99 -12.88 15.21
N ALA A 120 22.69 -12.58 16.49
CA ALA A 120 22.67 -13.60 17.57
C ALA A 120 21.60 -14.66 17.27
N VAL A 121 20.38 -14.24 16.87
CA VAL A 121 19.27 -15.13 16.50
C VAL A 121 19.63 -15.94 15.24
N CYS A 122 20.16 -15.28 14.20
CA CYS A 122 20.54 -15.95 12.96
C CYS A 122 21.56 -17.05 13.19
N ARG A 123 22.59 -16.78 14.01
CA ARG A 123 23.63 -17.75 14.36
C ARG A 123 23.03 -18.98 15.00
N GLU A 124 22.12 -18.79 15.99
CA GLU A 124 21.46 -19.89 16.70
C GLU A 124 20.64 -20.76 15.77
N CYS A 125 19.89 -20.12 14.87
CA CYS A 125 19.06 -20.80 13.88
C CYS A 125 19.89 -21.56 12.87
N LEU A 126 21.04 -20.99 12.47
CA LEU A 126 21.98 -21.63 11.54
C LEU A 126 22.64 -22.86 12.16
N GLN A 127 22.89 -22.86 13.48
CA GLN A 127 23.48 -24.00 14.20
C GLN A 127 22.47 -25.17 14.20
N ALA A 128 21.17 -24.86 14.38
CA ALA A 128 20.08 -25.85 14.34
C ALA A 128 19.96 -26.43 12.92
N LEU A 129 20.03 -25.57 11.90
CA LEU A 129 19.93 -26.00 10.52
C LEU A 129 21.13 -26.82 10.06
N GLU A 130 22.35 -26.43 10.47
CA GLU A 130 23.58 -27.17 10.18
C GLU A 130 23.44 -28.58 10.72
N PHE A 131 22.94 -28.72 11.98
CA PHE A 131 22.70 -30.02 12.60
C PHE A 131 21.68 -30.82 11.78
N LEU A 132 20.52 -30.21 11.43
CA LEU A 132 19.49 -30.89 10.66
C LEU A 132 19.92 -31.34 9.27
N HIS A 133 20.55 -30.43 8.51
CA HIS A 133 21.01 -30.68 7.14
C HIS A 133 22.10 -31.76 7.05
N SER A 134 22.93 -31.89 8.11
CA SER A 134 23.98 -32.92 8.20
C SER A 134 23.36 -34.28 8.54
N ASN A 135 22.15 -34.26 9.16
CA ASN A 135 21.39 -35.46 9.51
C ASN A 135 20.32 -35.73 8.43
N GLN A 136 20.46 -35.11 7.22
CA GLN A 136 19.59 -35.24 6.05
C GLN A 136 18.12 -34.90 6.32
N VAL A 137 17.90 -33.91 7.20
CA VAL A 137 16.56 -33.44 7.53
C VAL A 137 16.40 -32.01 7.00
N ILE A 138 15.32 -31.76 6.25
CA ILE A 138 14.96 -30.42 5.77
C ILE A 138 13.71 -30.02 6.57
N HIS A 139 13.74 -28.89 7.27
CA HIS A 139 12.63 -28.43 8.13
C HIS A 139 11.39 -28.05 7.31
N ARG A 140 11.59 -27.20 6.28
CA ARG A 140 10.62 -26.70 5.29
C ARG A 140 9.58 -25.72 5.88
N ASN A 141 9.72 -25.35 7.15
CA ASN A 141 8.77 -24.41 7.74
C ASN A 141 9.43 -23.42 8.70
N ILE A 142 10.62 -22.92 8.32
CA ILE A 142 11.36 -21.92 9.08
C ILE A 142 10.64 -20.55 9.02
N LYS A 143 10.19 -20.06 10.17
CA LYS A 143 9.52 -18.78 10.35
C LYS A 143 9.63 -18.45 11.82
N SER A 144 9.50 -17.16 12.17
CA SER A 144 9.60 -16.66 13.54
C SER A 144 8.66 -17.39 14.51
N ASP A 145 7.51 -17.87 14.01
CA ASP A 145 6.49 -18.60 14.78
C ASP A 145 7.03 -19.93 15.30
N ASN A 146 8.02 -20.50 14.61
CA ASN A 146 8.63 -21.78 14.98
C ASN A 146 9.95 -21.63 15.74
N ILE A 147 10.25 -20.39 16.18
CA ILE A 147 11.42 -20.05 16.97
C ILE A 147 10.94 -19.66 18.35
N LEU A 148 11.37 -20.44 19.35
CA LEU A 148 11.02 -20.22 20.75
C LEU A 148 12.18 -19.68 21.55
N LEU A 149 11.84 -18.79 22.48
CA LEU A 149 12.84 -18.09 23.28
C LEU A 149 12.83 -18.45 24.75
N GLY A 150 14.02 -18.64 25.31
CA GLY A 150 14.19 -18.91 26.73
C GLY A 150 14.31 -17.62 27.53
N MET A 151 14.04 -17.68 28.85
CA MET A 151 14.16 -16.49 29.72
C MET A 151 15.58 -15.95 29.82
N ASP A 152 16.58 -16.74 29.41
CA ASP A 152 18.00 -16.38 29.40
C ASP A 152 18.40 -15.93 27.99
N GLY A 153 17.44 -15.88 27.07
CA GLY A 153 17.70 -15.52 25.67
C GLY A 153 18.02 -16.70 24.77
N SER A 154 17.76 -17.95 25.24
CA SER A 154 17.95 -19.18 24.43
C SER A 154 17.10 -19.09 23.16
N VAL A 155 17.67 -19.51 22.02
CA VAL A 155 16.98 -19.52 20.72
C VAL A 155 16.87 -20.97 20.26
N LYS A 156 15.62 -21.48 20.14
CA LYS A 156 15.39 -22.88 19.76
C LYS A 156 14.32 -23.03 18.68
N LEU A 157 14.52 -24.03 17.80
CA LEU A 157 13.61 -24.36 16.70
C LEU A 157 12.65 -25.48 17.08
N THR A 158 11.39 -25.39 16.62
CA THR A 158 10.38 -26.42 16.84
C THR A 158 9.55 -26.66 15.55
N ASP A 159 8.42 -27.40 15.66
CA ASP A 159 7.44 -27.76 14.60
C ASP A 159 8.05 -28.50 13.44
N PHE A 160 8.20 -29.80 13.63
CA PHE A 160 8.79 -30.70 12.65
C PHE A 160 7.75 -31.45 11.82
N GLY A 161 6.52 -30.95 11.80
CA GLY A 161 5.41 -31.54 11.05
C GLY A 161 5.53 -31.53 9.54
N PHE A 162 6.29 -30.59 8.98
CA PHE A 162 6.49 -30.40 7.52
C PHE A 162 7.87 -30.87 7.06
N CYS A 163 8.65 -31.45 7.98
CA CYS A 163 10.00 -31.85 7.66
C CYS A 163 10.06 -33.05 6.73
N ALA A 164 11.17 -33.16 5.99
CA ALA A 164 11.41 -34.26 5.06
C ALA A 164 12.80 -34.81 5.27
N GLN A 165 12.92 -36.14 5.18
CA GLN A 165 14.19 -36.83 5.33
C GLN A 165 14.68 -37.19 3.91
N ILE A 166 15.94 -36.84 3.60
CA ILE A 166 16.57 -37.07 2.30
C ILE A 166 17.73 -38.06 2.39
N LYS A 172 16.46 -35.09 -3.39
CA LYS A 172 15.68 -33.86 -3.55
C LYS A 172 14.17 -34.09 -3.39
N ARG A 173 13.41 -33.00 -3.11
CA ARG A 173 11.94 -33.04 -2.96
C ARG A 173 11.28 -32.08 -3.95
N SER A 174 9.94 -32.19 -4.14
CA SER A 174 9.19 -31.34 -5.07
C SER A 174 7.78 -30.97 -4.57
N GLU A 175 7.45 -31.38 -3.31
CA GLU A 175 6.16 -31.07 -2.68
C GLU A 175 6.11 -29.57 -2.31
N MET A 176 5.00 -28.91 -2.67
CA MET A 176 4.73 -27.50 -2.40
C MET A 176 4.32 -27.41 -0.91
N VAL A 177 5.30 -27.56 -0.02
CA VAL A 177 5.13 -27.59 1.43
C VAL A 177 5.82 -26.38 2.13
N GLY A 178 5.11 -25.80 3.11
CA GLY A 178 5.53 -24.68 3.92
C GLY A 178 4.42 -23.67 4.15
N THR A 179 4.81 -22.43 4.55
CA THR A 179 3.91 -21.28 4.74
C THR A 179 4.25 -20.30 3.62
N PRO A 180 3.24 -19.92 2.78
CA PRO A 180 3.53 -19.14 1.55
C PRO A 180 4.61 -18.08 1.60
N TYR A 181 4.53 -17.14 2.54
CA TYR A 181 5.45 -15.99 2.67
C TYR A 181 6.91 -16.34 2.88
N TRP A 182 7.19 -17.50 3.49
CA TRP A 182 8.56 -17.96 3.79
C TRP A 182 9.13 -19.01 2.81
N MET A 183 8.33 -19.42 1.80
CA MET A 183 8.76 -20.44 0.82
C MET A 183 9.74 -19.94 -0.25
N ALA A 184 10.79 -20.75 -0.53
CA ALA A 184 11.82 -20.49 -1.54
C ALA A 184 11.18 -20.58 -2.93
N PRO A 185 11.67 -19.82 -3.94
CA PRO A 185 11.07 -19.90 -5.29
C PRO A 185 11.04 -21.29 -5.92
N GLU A 186 12.10 -22.11 -5.69
CA GLU A 186 12.18 -23.46 -6.22
C GLU A 186 11.09 -24.39 -5.62
N VAL A 187 10.59 -24.06 -4.42
CA VAL A 187 9.52 -24.79 -3.74
C VAL A 187 8.19 -24.38 -4.38
N VAL A 188 7.96 -23.06 -4.46
CA VAL A 188 6.77 -22.44 -5.03
C VAL A 188 6.51 -22.92 -6.46
N THR A 189 7.58 -23.03 -7.28
CA THR A 189 7.53 -23.47 -8.68
C THR A 189 7.61 -25.02 -8.84
N ARG A 190 7.53 -25.78 -7.72
CA ARG A 190 7.58 -27.26 -7.68
C ARG A 190 8.78 -27.86 -8.43
N LYS A 191 9.98 -27.32 -8.20
CA LYS A 191 11.22 -27.84 -8.77
C LYS A 191 11.86 -28.77 -7.73
N ALA A 192 12.83 -29.61 -8.16
CA ALA A 192 13.55 -30.48 -7.23
C ALA A 192 14.38 -29.56 -6.32
N TYR A 193 14.14 -29.63 -5.01
CA TYR A 193 14.81 -28.77 -4.04
C TYR A 193 15.55 -29.55 -2.95
N GLY A 194 16.42 -28.85 -2.23
CA GLY A 194 17.22 -29.41 -1.16
C GLY A 194 17.21 -28.63 0.14
N PRO A 195 18.19 -28.88 1.03
CA PRO A 195 18.21 -28.20 2.33
C PRO A 195 18.28 -26.66 2.29
N LYS A 196 18.78 -26.09 1.18
CA LYS A 196 18.92 -24.64 1.01
C LYS A 196 17.58 -23.90 0.98
N VAL A 197 16.45 -24.62 0.96
CA VAL A 197 15.13 -23.99 1.05
C VAL A 197 14.95 -23.40 2.46
N ASP A 198 15.62 -24.02 3.48
CA ASP A 198 15.60 -23.57 4.87
C ASP A 198 16.45 -22.30 5.03
N ILE A 199 17.50 -22.14 4.19
CA ILE A 199 18.36 -20.95 4.16
C ILE A 199 17.56 -19.74 3.65
N TRP A 200 16.76 -19.95 2.58
CA TRP A 200 15.87 -18.92 2.03
C TRP A 200 14.89 -18.48 3.12
N SER A 201 14.18 -19.43 3.74
CA SER A 201 13.22 -19.18 4.79
C SER A 201 13.82 -18.38 5.96
N LEU A 202 15.09 -18.68 6.34
CA LEU A 202 15.83 -17.96 7.36
C LEU A 202 16.05 -16.50 6.92
N GLY A 203 16.37 -16.31 5.64
CA GLY A 203 16.51 -14.99 5.03
C GLY A 203 15.23 -14.17 5.15
N ILE A 204 14.08 -14.82 4.93
CA ILE A 204 12.75 -14.20 5.08
C ILE A 204 12.51 -13.86 6.56
N MET A 205 12.95 -14.74 7.47
CA MET A 205 12.82 -14.49 8.91
C MET A 205 13.71 -13.29 9.36
N ALA A 206 14.89 -13.11 8.73
CA ALA A 206 15.74 -11.95 8.99
C ALA A 206 15.01 -10.66 8.51
N ILE A 207 14.24 -10.72 7.39
CA ILE A 207 13.42 -9.60 6.91
C ILE A 207 12.32 -9.28 7.96
N GLU A 208 11.72 -10.32 8.57
CA GLU A 208 10.75 -10.18 9.68
C GLU A 208 11.39 -9.40 10.81
N MET A 209 12.66 -9.72 11.13
CA MET A 209 13.40 -9.10 12.22
C MET A 209 13.67 -7.64 11.95
N ILE A 210 13.87 -7.28 10.65
CA ILE A 210 14.13 -5.91 10.19
C ILE A 210 12.83 -5.08 10.11
N GLU A 211 11.81 -5.62 9.40
CA GLU A 211 10.58 -4.93 8.99
C GLU A 211 9.32 -5.22 9.80
N GLY A 212 9.34 -6.33 10.54
CA GLY A 212 8.21 -6.76 11.36
C GLY A 212 7.35 -7.82 10.73
N GLU A 213 7.52 -8.04 9.39
CA GLU A 213 6.72 -8.95 8.59
C GLU A 213 7.54 -9.57 7.46
N PRO A 214 7.16 -10.78 6.95
CA PRO A 214 7.83 -11.30 5.76
C PRO A 214 7.38 -10.48 4.54
N PRO A 215 8.10 -10.46 3.39
CA PRO A 215 7.57 -9.72 2.22
C PRO A 215 6.23 -10.29 1.77
N TYR A 216 5.36 -9.37 1.27
CA TYR A 216 4.03 -9.60 0.71
C TYR A 216 2.93 -9.98 1.71
N LEU A 217 3.14 -9.81 3.03
CA LEU A 217 2.14 -10.17 4.06
C LEU A 217 0.80 -9.48 3.86
N ASN A 218 0.80 -8.26 3.27
CA ASN A 218 -0.44 -7.52 2.97
C ASN A 218 -1.27 -8.24 1.89
N GLU A 219 -0.60 -9.03 1.03
CA GLU A 219 -1.23 -9.77 -0.07
C GLU A 219 -1.83 -11.07 0.46
N ASN A 220 -2.80 -11.64 -0.28
CA ASN A 220 -3.40 -12.93 0.02
C ASN A 220 -2.32 -14.02 -0.18
N PRO A 221 -2.37 -15.21 0.48
CA PRO A 221 -1.31 -16.23 0.29
C PRO A 221 -1.04 -16.65 -1.17
N LEU A 222 -2.08 -16.71 -2.05
CA LEU A 222 -1.89 -17.06 -3.47
C LEU A 222 -1.21 -15.99 -4.27
N ARG A 223 -1.55 -14.71 -4.03
CA ARG A 223 -0.85 -13.64 -4.76
C ARG A 223 0.60 -13.53 -4.27
N ALA A 224 0.91 -13.87 -2.97
CA ALA A 224 2.28 -13.91 -2.45
C ALA A 224 3.08 -15.00 -3.19
N LEU A 225 2.47 -16.19 -3.41
CA LEU A 225 3.06 -17.31 -4.15
C LEU A 225 3.44 -16.91 -5.58
N TYR A 226 2.55 -16.18 -6.27
CA TYR A 226 2.81 -15.67 -7.62
C TYR A 226 3.97 -14.67 -7.57
N LEU A 227 3.98 -13.76 -6.56
CA LEU A 227 5.01 -12.74 -6.36
C LEU A 227 6.37 -13.35 -6.10
N ILE A 228 6.45 -14.43 -5.30
CA ILE A 228 7.71 -15.14 -5.01
C ILE A 228 8.24 -15.78 -6.32
N ALA A 229 7.35 -16.47 -7.05
CA ALA A 229 7.68 -17.13 -8.32
C ALA A 229 8.12 -16.18 -9.44
N THR A 230 7.57 -14.95 -9.49
CA THR A 230 7.86 -14.02 -10.56
C THR A 230 8.96 -13.00 -10.21
N ASN A 231 8.94 -12.40 -9.00
CA ASN A 231 9.96 -11.42 -8.56
C ASN A 231 11.25 -12.05 -8.01
N GLY A 232 11.17 -13.25 -7.45
CA GLY A 232 12.32 -13.94 -6.88
C GLY A 232 12.81 -13.31 -5.60
N THR A 233 14.10 -12.86 -5.58
CA THR A 233 14.77 -12.20 -4.42
C THR A 233 13.99 -10.96 -3.99
N PRO A 234 13.40 -10.97 -2.78
CA PRO A 234 12.59 -9.82 -2.39
C PRO A 234 13.45 -8.62 -2.03
N GLU A 235 12.89 -7.41 -2.18
CA GLU A 235 13.62 -6.19 -1.83
C GLU A 235 13.15 -5.62 -0.52
N LEU A 236 14.09 -5.04 0.22
CA LEU A 236 13.83 -4.44 1.50
C LEU A 236 13.14 -3.11 1.29
N GLN A 237 12.28 -2.71 2.24
CA GLN A 237 11.56 -1.42 2.18
C GLN A 237 12.52 -0.25 2.34
N ASN A 238 13.59 -0.43 3.14
CA ASN A 238 14.62 0.60 3.40
C ASN A 238 16.02 -0.06 3.49
N PRO A 239 16.62 -0.52 2.35
CA PRO A 239 17.93 -1.19 2.42
C PRO A 239 19.09 -0.33 2.91
N GLU A 240 19.00 0.99 2.75
CA GLU A 240 20.02 1.95 3.18
C GLU A 240 20.23 1.95 4.68
N LYS A 241 19.21 1.56 5.44
CA LYS A 241 19.22 1.45 6.91
C LYS A 241 20.06 0.27 7.43
N LEU A 242 20.47 -0.66 6.56
CA LEU A 242 21.25 -1.83 6.94
C LEU A 242 22.74 -1.62 6.65
N SER A 243 23.62 -2.26 7.44
CA SER A 243 25.06 -2.23 7.21
C SER A 243 25.40 -3.06 5.96
N ALA A 244 26.58 -2.84 5.35
CA ALA A 244 27.02 -3.58 4.17
C ALA A 244 27.11 -5.08 4.43
N ILE A 245 27.61 -5.47 5.62
CA ILE A 245 27.76 -6.88 6.01
C ILE A 245 26.40 -7.57 6.19
N PHE A 246 25.39 -6.86 6.74
CA PHE A 246 24.04 -7.41 6.91
C PHE A 246 23.39 -7.62 5.53
N ARG A 247 23.44 -6.59 4.65
CA ARG A 247 22.90 -6.67 3.29
C ARG A 247 23.49 -7.88 2.53
N ASP A 248 24.81 -8.11 2.70
CA ASP A 248 25.51 -9.24 2.06
C ASP A 248 25.00 -10.58 2.60
N PHE A 249 24.82 -10.68 3.93
CA PHE A 249 24.30 -11.88 4.59
C PHE A 249 22.94 -12.25 4.02
N LEU A 250 22.03 -11.24 3.91
CA LEU A 250 20.69 -11.41 3.35
C LEU A 250 20.78 -11.88 1.89
N ASN A 251 21.67 -11.29 1.08
CA ASN A 251 21.87 -11.64 -0.32
C ASN A 251 22.32 -13.10 -0.50
N ARG A 252 23.12 -13.62 0.44
CA ARG A 252 23.61 -15.00 0.41
C ARG A 252 22.51 -15.98 0.83
N CYS A 253 21.55 -15.49 1.66
CA CYS A 253 20.39 -16.25 2.12
C CYS A 253 19.34 -16.29 1.01
N LEU A 254 19.15 -15.16 0.32
CA LEU A 254 18.10 -15.00 -0.66
C LEU A 254 18.55 -15.01 -2.13
N ASP A 255 19.61 -15.79 -2.46
CA ASP A 255 20.04 -15.93 -3.84
C ASP A 255 19.07 -16.85 -4.58
N MET A 256 18.75 -16.46 -5.83
CA MET A 256 17.85 -17.20 -6.74
C MET A 256 18.48 -18.51 -7.15
N ASP A 257 19.78 -18.45 -7.49
CA ASP A 257 20.58 -19.58 -7.92
C ASP A 257 20.90 -20.38 -6.64
N VAL A 258 20.35 -21.61 -6.53
CA VAL A 258 20.51 -22.51 -5.37
C VAL A 258 22.00 -22.80 -5.07
N GLU A 259 22.82 -23.05 -6.11
CA GLU A 259 24.26 -23.31 -5.94
C GLU A 259 25.02 -22.11 -5.36
N LYS A 260 24.59 -20.88 -5.70
CA LYS A 260 25.16 -19.62 -5.21
C LYS A 260 24.70 -19.36 -3.78
N ARG A 261 23.44 -19.75 -3.45
CA ARG A 261 22.87 -19.56 -2.12
C ARG A 261 23.74 -20.30 -1.10
N GLY A 262 24.03 -19.66 0.01
CA GLY A 262 24.88 -20.25 1.03
C GLY A 262 24.27 -21.44 1.73
N SER A 263 25.13 -22.37 2.18
CA SER A 263 24.70 -23.52 2.98
C SER A 263 24.72 -23.02 4.46
N ALA A 264 24.11 -23.78 5.39
CA ALA A 264 24.10 -23.44 6.81
C ALA A 264 25.53 -23.39 7.35
N LYS A 265 26.36 -24.39 6.98
CA LYS A 265 27.77 -24.51 7.36
C LYS A 265 28.59 -23.29 6.89
N GLU A 266 28.38 -22.85 5.62
CA GLU A 266 29.07 -21.69 5.03
C GLU A 266 28.62 -20.40 5.70
N LEU A 267 27.30 -20.25 5.92
CA LEU A 267 26.75 -19.03 6.52
C LEU A 267 27.13 -18.85 7.97
N LEU A 268 27.45 -19.94 8.70
CA LEU A 268 27.91 -19.86 10.09
C LEU A 268 29.25 -19.12 10.22
N GLN A 269 29.99 -19.00 9.10
CA GLN A 269 31.29 -18.34 8.99
C GLN A 269 31.18 -16.91 8.43
N HIS A 270 29.95 -16.45 8.10
CA HIS A 270 29.75 -15.10 7.55
C HIS A 270 30.11 -14.03 8.59
N GLN A 271 30.66 -12.88 8.13
CA GLN A 271 31.08 -11.73 8.95
C GLN A 271 29.96 -11.13 9.79
N PHE A 272 28.73 -11.16 9.28
CA PHE A 272 27.58 -10.62 9.99
C PHE A 272 27.43 -11.24 11.37
N LEU A 273 27.63 -12.57 11.49
CA LEU A 273 27.50 -13.28 12.77
C LEU A 273 28.60 -12.91 13.78
N LYS A 274 29.68 -12.25 13.33
CA LYS A 274 30.76 -11.81 14.20
C LYS A 274 30.37 -10.56 15.01
N ILE A 275 29.27 -9.87 14.62
CA ILE A 275 28.76 -8.69 15.35
C ILE A 275 27.67 -9.11 16.35
N ALA A 276 27.36 -10.43 16.40
CA ALA A 276 26.33 -10.99 17.29
C ALA A 276 26.59 -10.61 18.73
N LYS A 277 25.54 -10.13 19.40
CA LYS A 277 25.57 -9.74 20.81
C LYS A 277 25.32 -10.98 21.67
N PRO A 278 25.63 -10.98 22.99
CA PRO A 278 25.29 -12.17 23.80
C PRO A 278 23.78 -12.39 23.78
N LEU A 279 23.33 -13.62 23.97
CA LEU A 279 21.91 -13.95 23.97
C LEU A 279 21.13 -13.24 25.08
N SER A 280 21.84 -12.74 26.14
CA SER A 280 21.25 -11.96 27.24
C SER A 280 20.63 -10.65 26.70
N SER A 281 21.16 -10.13 25.58
CA SER A 281 20.67 -8.93 24.91
C SER A 281 19.22 -9.08 24.40
N LEU A 282 18.70 -10.31 24.36
CA LEU A 282 17.36 -10.61 23.88
C LEU A 282 16.28 -10.55 24.98
N THR A 283 16.68 -10.65 26.26
CA THR A 283 15.75 -10.63 27.40
C THR A 283 14.99 -9.25 27.49
N PRO A 284 15.60 -8.05 27.22
CA PRO A 284 14.78 -6.81 27.21
C PRO A 284 13.70 -6.82 26.11
N LEU A 285 13.99 -7.48 24.96
CA LEU A 285 13.05 -7.67 23.85
C LEU A 285 11.87 -8.55 24.26
N ILE A 286 12.14 -9.63 25.02
CA ILE A 286 11.13 -10.55 25.55
C ILE A 286 10.19 -9.79 26.50
N ALA A 287 10.75 -8.94 27.39
CA ALA A 287 10.01 -8.12 28.33
C ALA A 287 9.12 -7.09 27.60
N ALA A 288 9.66 -6.49 26.53
CA ALA A 288 8.92 -5.53 25.69
C ALA A 288 7.74 -6.20 24.97
N ALA A 289 7.98 -7.37 24.34
CA ALA A 289 6.96 -8.19 23.66
C ALA A 289 5.85 -8.61 24.64
N LYS A 290 6.23 -9.07 25.86
CA LYS A 290 5.29 -9.46 26.91
C LYS A 290 4.44 -8.29 27.36
N GLU A 291 5.04 -7.08 27.46
CA GLU A 291 4.32 -5.87 27.83
C GLU A 291 3.34 -5.44 26.72
N ALA A 292 3.77 -5.53 25.45
CA ALA A 292 2.94 -5.13 24.31
C ALA A 292 1.75 -6.07 24.05
N THR A 293 1.93 -7.37 24.36
CA THR A 293 0.91 -8.39 24.10
C THR A 293 0.03 -8.76 25.32
N LYS A 294 0.06 -7.97 26.42
CA LYS A 294 -0.72 -8.24 27.63
C LYS A 294 -2.17 -7.80 27.47
N LEU B 9 -4.81 -4.75 -14.52
CA LEU B 9 -4.29 -3.56 -13.86
C LEU B 9 -3.16 -3.86 -12.86
N ARG B 10 -2.84 -5.15 -12.65
CA ARG B 10 -1.80 -5.61 -11.72
C ARG B 10 -0.38 -5.22 -12.15
N SER B 11 -0.17 -5.08 -13.48
CA SER B 11 1.11 -4.69 -14.08
C SER B 11 1.32 -3.18 -14.04
N ILE B 12 0.23 -2.42 -13.84
CA ILE B 12 0.23 -0.95 -13.79
C ILE B 12 0.42 -0.43 -12.34
N VAL B 13 -0.33 -1.00 -11.38
CA VAL B 13 -0.31 -0.62 -9.95
C VAL B 13 1.06 -0.86 -9.29
N SER B 14 1.36 -0.15 -8.19
CA SER B 14 2.58 -0.34 -7.42
C SER B 14 2.41 -1.54 -6.48
N VAL B 15 3.54 -2.15 -6.04
CA VAL B 15 3.50 -3.38 -5.24
C VAL B 15 3.47 -3.16 -3.68
N GLY B 16 3.90 -1.98 -3.21
CA GLY B 16 3.96 -1.63 -1.79
C GLY B 16 2.66 -1.71 -1.00
N ASP B 17 2.74 -1.41 0.31
CA ASP B 17 1.59 -1.38 1.19
C ASP B 17 1.23 0.10 1.46
N PRO B 18 0.13 0.63 0.89
CA PRO B 18 -0.22 2.05 1.15
C PRO B 18 -0.66 2.36 2.56
N LYS B 19 -1.02 1.35 3.37
CA LYS B 19 -1.38 1.56 4.78
C LYS B 19 -0.11 1.82 5.60
N LYS B 20 1.06 1.39 5.07
CA LYS B 20 2.40 1.59 5.65
C LYS B 20 3.06 2.86 5.12
N LYS B 21 2.76 3.26 3.85
CA LYS B 21 3.35 4.43 3.20
C LYS B 21 2.67 5.74 3.54
N TYR B 22 1.38 5.67 3.91
CA TYR B 22 0.55 6.83 4.19
C TYR B 22 -0.14 6.70 5.53
N THR B 23 -0.35 7.82 6.23
CA THR B 23 -1.02 7.85 7.53
C THR B 23 -2.01 9.03 7.59
N ARG B 24 -2.73 9.17 8.73
CA ARG B 24 -3.70 10.25 8.99
C ARG B 24 -4.78 10.35 7.91
N PHE B 25 -5.44 9.20 7.64
CA PHE B 25 -6.52 9.10 6.64
C PHE B 25 -7.74 9.86 7.14
N GLU B 26 -8.25 10.78 6.31
CA GLU B 26 -9.41 11.62 6.61
C GLU B 26 -10.29 11.71 5.39
N LYS B 27 -11.54 11.21 5.49
CA LYS B 27 -12.52 11.23 4.42
C LYS B 27 -12.91 12.67 4.05
N ILE B 28 -12.89 13.00 2.75
CA ILE B 28 -13.26 14.33 2.25
C ILE B 28 -14.34 14.26 1.14
N GLY B 29 -14.72 13.03 0.78
CA GLY B 29 -15.75 12.73 -0.21
C GLY B 29 -15.94 11.24 -0.38
N GLY B 34 -15.81 6.04 -6.22
CA GLY B 34 -15.37 5.59 -4.90
C GLY B 34 -15.30 6.68 -3.84
N THR B 35 -14.56 6.40 -2.74
CA THR B 35 -14.38 7.32 -1.61
C THR B 35 -13.02 8.04 -1.63
N VAL B 36 -13.01 9.38 -1.42
CA VAL B 36 -11.79 10.22 -1.43
C VAL B 36 -11.33 10.59 -0.01
N TYR B 37 -10.07 10.28 0.31
CA TYR B 37 -9.41 10.55 1.59
C TYR B 37 -8.22 11.48 1.41
N THR B 38 -7.84 12.16 2.48
CA THR B 38 -6.64 12.98 2.57
C THR B 38 -5.68 12.12 3.41
N ALA B 39 -4.37 12.15 3.11
CA ALA B 39 -3.37 11.37 3.86
C ALA B 39 -2.02 12.03 3.78
N MET B 40 -1.06 11.52 4.56
CA MET B 40 0.27 12.10 4.57
C MET B 40 1.29 11.03 4.30
N ASP B 41 2.25 11.34 3.42
CA ASP B 41 3.34 10.44 3.11
C ASP B 41 4.15 10.35 4.42
N VAL B 42 4.26 9.16 4.95
CA VAL B 42 4.94 8.85 6.22
C VAL B 42 6.48 9.15 6.18
N ALA B 43 7.08 9.17 4.96
CA ALA B 43 8.51 9.41 4.81
C ALA B 43 8.88 10.85 4.49
N THR B 44 8.03 11.56 3.76
CA THR B 44 8.33 12.92 3.33
C THR B 44 7.42 14.00 3.95
N GLY B 45 6.26 13.60 4.47
CA GLY B 45 5.30 14.58 4.98
C GLY B 45 4.47 15.24 3.91
N GLN B 46 4.58 14.79 2.63
CA GLN B 46 3.76 15.31 1.53
C GLN B 46 2.32 14.90 1.82
N GLU B 47 1.42 15.86 1.75
CA GLU B 47 0.01 15.61 1.92
C GLU B 47 -0.56 15.18 0.54
N VAL B 48 -1.31 14.08 0.53
CA VAL B 48 -1.86 13.48 -0.69
C VAL B 48 -3.37 13.26 -0.59
N ALA B 49 -4.01 13.06 -1.75
CA ALA B 49 -5.43 12.77 -1.86
C ALA B 49 -5.57 11.35 -2.47
N ILE B 50 -6.29 10.46 -1.81
CA ILE B 50 -6.41 9.05 -2.21
C ILE B 50 -7.86 8.67 -2.47
N LYS B 51 -8.15 8.21 -3.70
CA LYS B 51 -9.46 7.72 -4.11
C LYS B 51 -9.48 6.19 -4.03
N GLN B 52 -10.33 5.63 -3.17
CA GLN B 52 -10.49 4.18 -2.98
C GLN B 52 -11.76 3.73 -3.71
N MET B 53 -11.61 2.87 -4.73
CA MET B 53 -12.72 2.35 -5.55
C MET B 53 -12.87 0.85 -5.40
N ASN B 54 -14.04 0.41 -4.98
CA ASN B 54 -14.38 -1.01 -4.89
C ASN B 54 -14.71 -1.44 -6.32
N LEU B 55 -14.01 -2.47 -6.83
CA LEU B 55 -14.26 -2.95 -8.19
C LEU B 55 -14.70 -4.41 -8.24
N ILE B 65 -9.36 2.83 -15.17
CA ILE B 65 -9.07 1.82 -16.19
C ILE B 65 -7.83 2.27 -17.03
N ASN B 66 -8.03 2.53 -18.34
CA ASN B 66 -7.04 3.03 -19.30
C ASN B 66 -6.80 4.52 -19.01
N GLU B 67 -7.78 5.19 -18.40
CA GLU B 67 -7.73 6.59 -17.96
C GLU B 67 -6.60 6.82 -16.93
N ILE B 68 -6.24 5.77 -16.14
CA ILE B 68 -5.14 5.78 -15.16
C ILE B 68 -3.81 5.75 -15.93
N LEU B 69 -3.75 4.90 -16.98
CA LEU B 69 -2.59 4.77 -17.87
C LEU B 69 -2.36 6.05 -18.66
N VAL B 70 -3.46 6.78 -18.99
CA VAL B 70 -3.41 8.08 -19.66
C VAL B 70 -2.85 9.11 -18.66
N MET B 71 -3.42 9.16 -17.42
CA MET B 71 -3.00 10.05 -16.34
C MET B 71 -1.50 9.97 -16.07
N ARG B 72 -1.00 8.73 -15.87
CA ARG B 72 0.39 8.41 -15.57
C ARG B 72 1.35 8.85 -16.69
N GLU B 73 0.91 8.72 -17.95
CA GLU B 73 1.73 9.09 -19.11
C GLU B 73 1.64 10.57 -19.46
N ASN B 74 0.44 11.18 -19.34
CA ASN B 74 0.22 12.58 -19.70
C ASN B 74 0.07 13.50 -18.50
N LYS B 75 1.20 14.12 -18.16
CA LYS B 75 1.40 15.03 -17.05
C LYS B 75 1.52 16.44 -17.60
N ASN B 76 1.02 17.39 -16.81
CA ASN B 76 1.08 18.82 -17.10
C ASN B 76 1.02 19.58 -15.78
N PRO B 77 1.78 20.69 -15.63
CA PRO B 77 1.70 21.43 -14.34
C PRO B 77 0.33 22.04 -14.02
N ASN B 78 -0.57 22.20 -15.03
CA ASN B 78 -1.89 22.79 -14.79
C ASN B 78 -3.03 21.77 -14.67
N ILE B 79 -2.71 20.51 -14.38
CA ILE B 79 -3.68 19.46 -14.01
C ILE B 79 -3.20 18.81 -12.69
N VAL B 80 -4.14 18.30 -11.89
CA VAL B 80 -3.82 17.62 -10.60
C VAL B 80 -3.08 16.32 -10.95
N ASN B 81 -1.80 16.19 -10.50
CA ASN B 81 -1.03 15.03 -10.96
C ASN B 81 -1.19 13.73 -10.15
N TYR B 82 -1.21 12.65 -10.95
CA TYR B 82 -1.30 11.25 -10.57
C TYR B 82 0.05 10.90 -9.99
N LEU B 83 0.05 10.33 -8.77
CA LEU B 83 1.27 9.92 -8.09
C LEU B 83 1.52 8.42 -8.20
N ASP B 84 0.53 7.64 -7.77
CA ASP B 84 0.64 6.20 -7.73
C ASP B 84 -0.74 5.57 -7.58
N SER B 85 -0.79 4.23 -7.66
CA SER B 85 -1.99 3.41 -7.51
C SER B 85 -1.61 2.07 -6.88
N TYR B 86 -2.55 1.47 -6.13
CA TYR B 86 -2.36 0.20 -5.42
C TYR B 86 -3.61 -0.65 -5.46
N LEU B 87 -3.42 -1.99 -5.48
CA LEU B 87 -4.52 -2.92 -5.38
C LEU B 87 -4.52 -3.32 -3.90
N VAL B 88 -5.56 -2.92 -3.16
CA VAL B 88 -5.68 -3.19 -1.71
C VAL B 88 -6.89 -4.09 -1.49
N GLY B 89 -6.63 -5.40 -1.50
CA GLY B 89 -7.67 -6.41 -1.38
C GLY B 89 -8.56 -6.33 -2.59
N ASP B 90 -9.80 -5.83 -2.38
CA ASP B 90 -10.78 -5.68 -3.47
C ASP B 90 -10.84 -4.30 -4.03
N GLU B 91 -10.23 -3.34 -3.33
CA GLU B 91 -10.23 -1.94 -3.74
C GLU B 91 -9.01 -1.57 -4.58
N LEU B 92 -9.16 -0.54 -5.40
CA LEU B 92 -8.12 0.09 -6.18
C LEU B 92 -7.94 1.51 -5.58
N TRP B 93 -6.73 1.82 -5.08
CA TRP B 93 -6.46 3.14 -4.52
C TRP B 93 -5.62 3.95 -5.47
N VAL B 94 -6.08 5.17 -5.81
CA VAL B 94 -5.37 6.12 -6.69
C VAL B 94 -4.88 7.32 -5.88
N VAL B 95 -3.56 7.47 -5.77
CA VAL B 95 -2.88 8.53 -5.01
C VAL B 95 -2.59 9.72 -5.93
N MET B 96 -3.13 10.88 -5.56
CA MET B 96 -2.99 12.15 -6.30
C MET B 96 -2.37 13.20 -5.40
N GLU B 97 -1.83 14.27 -6.01
CA GLU B 97 -1.32 15.39 -5.23
C GLU B 97 -2.54 16.05 -4.57
N TYR B 98 -2.38 16.61 -3.38
CA TYR B 98 -3.49 17.27 -2.73
C TYR B 98 -3.29 18.75 -2.86
N LEU B 99 -4.34 19.42 -3.30
CA LEU B 99 -4.31 20.87 -3.41
C LEU B 99 -5.14 21.42 -2.29
N ALA B 100 -4.41 21.81 -1.23
CA ALA B 100 -4.95 22.23 0.05
C ALA B 100 -5.71 23.55 0.03
N GLY B 101 -5.59 24.33 -1.04
CA GLY B 101 -6.26 25.62 -1.14
C GLY B 101 -7.73 25.55 -1.50
N GLY B 102 -8.26 24.32 -1.69
CA GLY B 102 -9.66 24.06 -2.01
C GLY B 102 -10.00 24.43 -3.43
N SER B 103 -11.29 24.64 -3.70
CA SER B 103 -11.77 24.94 -5.04
C SER B 103 -11.93 26.43 -5.34
N LEU B 104 -11.98 26.76 -6.63
CA LEU B 104 -12.22 28.11 -7.10
C LEU B 104 -13.66 28.55 -6.71
N THR B 105 -14.62 27.63 -6.60
CA THR B 105 -16.01 27.97 -6.18
C THR B 105 -16.00 28.72 -4.85
N ASP B 106 -15.23 28.22 -3.86
CA ASP B 106 -15.11 28.79 -2.53
C ASP B 106 -14.56 30.21 -2.59
N VAL B 107 -13.57 30.44 -3.47
CA VAL B 107 -12.98 31.76 -3.67
C VAL B 107 -13.97 32.70 -4.33
N VAL B 108 -14.66 32.23 -5.38
CA VAL B 108 -15.64 33.00 -6.15
C VAL B 108 -16.80 33.47 -5.28
N THR B 109 -17.32 32.59 -4.40
CA THR B 109 -18.51 32.91 -3.62
C THR B 109 -18.21 33.75 -2.36
N GLU B 110 -16.96 33.72 -1.87
CA GLU B 110 -16.63 34.35 -0.60
C GLU B 110 -15.74 35.57 -0.69
N THR B 111 -15.22 35.88 -1.88
CA THR B 111 -14.37 37.06 -2.11
C THR B 111 -14.78 37.76 -3.39
N CYS B 112 -14.33 39.00 -3.62
CA CYS B 112 -14.52 39.63 -4.94
C CYS B 112 -13.17 39.67 -5.62
N MET B 113 -13.01 38.89 -6.68
CA MET B 113 -11.76 38.78 -7.43
C MET B 113 -11.65 39.99 -8.35
N ASP B 114 -10.46 40.54 -8.46
CA ASP B 114 -10.23 41.64 -9.38
C ASP B 114 -9.84 41.03 -10.74
N GLU B 115 -9.83 41.86 -11.80
CA GLU B 115 -9.52 41.42 -13.16
C GLU B 115 -8.10 40.83 -13.32
N GLY B 116 -7.15 41.28 -12.52
CA GLY B 116 -5.79 40.74 -12.52
C GLY B 116 -5.76 39.32 -12.00
N GLN B 117 -6.56 39.02 -10.95
CA GLN B 117 -6.66 37.67 -10.38
C GLN B 117 -7.42 36.74 -11.34
N ILE B 118 -8.51 37.24 -11.97
CA ILE B 118 -9.30 36.48 -12.95
C ILE B 118 -8.43 36.11 -14.14
N ALA B 119 -7.67 37.09 -14.69
CA ALA B 119 -6.76 36.86 -15.82
C ALA B 119 -5.69 35.80 -15.50
N ALA B 120 -5.16 35.79 -14.25
CA ALA B 120 -4.16 34.79 -13.79
C ALA B 120 -4.76 33.40 -13.83
N VAL B 121 -6.01 33.22 -13.32
CA VAL B 121 -6.73 31.95 -13.33
C VAL B 121 -7.04 31.52 -14.77
N CYS B 122 -7.54 32.44 -15.61
CA CYS B 122 -7.83 32.14 -17.02
C CYS B 122 -6.60 31.64 -17.80
N ARG B 123 -5.46 32.29 -17.59
CA ARG B 123 -4.20 31.89 -18.25
C ARG B 123 -3.83 30.47 -17.88
N GLU B 124 -3.88 30.14 -16.57
CA GLU B 124 -3.54 28.82 -16.07
C GLU B 124 -4.45 27.74 -16.64
N CYS B 125 -5.76 28.02 -16.70
CA CYS B 125 -6.73 27.09 -17.27
C CYS B 125 -6.54 26.90 -18.75
N LEU B 126 -6.18 27.97 -19.47
CA LEU B 126 -5.91 27.92 -20.92
C LEU B 126 -4.65 27.10 -21.24
N GLN B 127 -3.65 27.13 -20.36
CA GLN B 127 -2.42 26.34 -20.52
C GLN B 127 -2.75 24.83 -20.39
N ALA B 128 -3.65 24.48 -19.44
CA ALA B 128 -4.12 23.11 -19.23
C ALA B 128 -4.95 22.65 -20.44
N LEU B 129 -5.82 23.55 -20.96
CA LEU B 129 -6.68 23.26 -22.10
C LEU B 129 -5.88 23.11 -23.38
N GLU B 130 -4.82 23.92 -23.58
CA GLU B 130 -3.93 23.82 -24.73
C GLU B 130 -3.25 22.43 -24.72
N PHE B 131 -2.82 21.99 -23.53
CA PHE B 131 -2.20 20.68 -23.35
C PHE B 131 -3.20 19.55 -23.67
N LEU B 132 -4.39 19.59 -23.07
CA LEU B 132 -5.42 18.58 -23.28
C LEU B 132 -5.89 18.48 -24.73
N HIS B 133 -6.18 19.61 -25.37
CA HIS B 133 -6.66 19.68 -26.75
C HIS B 133 -5.64 19.17 -27.78
N SER B 134 -4.32 19.32 -27.49
CA SER B 134 -3.25 18.82 -28.35
C SER B 134 -3.12 17.29 -28.18
N ASN B 135 -3.58 16.75 -27.05
CA ASN B 135 -3.59 15.33 -26.75
C ASN B 135 -4.99 14.73 -27.08
N GLN B 136 -5.82 15.47 -27.87
CA GLN B 136 -7.18 15.12 -28.33
C GLN B 136 -8.14 14.77 -27.18
N VAL B 137 -7.99 15.47 -26.06
CA VAL B 137 -8.84 15.28 -24.90
C VAL B 137 -9.71 16.53 -24.74
N ILE B 138 -11.04 16.34 -24.59
CA ILE B 138 -12.00 17.41 -24.32
C ILE B 138 -12.43 17.19 -22.86
N HIS B 139 -12.26 18.21 -22.00
CA HIS B 139 -12.61 18.11 -20.57
C HIS B 139 -14.12 17.96 -20.36
N ARG B 140 -14.93 18.87 -20.98
CA ARG B 140 -16.41 18.95 -20.95
C ARG B 140 -16.99 19.55 -19.66
N ASN B 141 -16.19 19.62 -18.58
CA ASN B 141 -16.69 20.11 -17.30
C ASN B 141 -15.84 21.23 -16.71
N ILE B 142 -15.48 22.22 -17.53
CA ILE B 142 -14.72 23.37 -17.08
C ILE B 142 -15.68 24.23 -16.29
N LYS B 143 -15.52 24.22 -14.97
CA LYS B 143 -16.35 24.97 -14.05
C LYS B 143 -15.56 25.16 -12.79
N SER B 144 -15.86 26.21 -12.01
CA SER B 144 -15.11 26.57 -10.81
C SER B 144 -14.90 25.41 -9.82
N ASP B 145 -15.88 24.50 -9.72
CA ASP B 145 -15.85 23.32 -8.84
C ASP B 145 -14.72 22.35 -9.21
N ASN B 146 -14.29 22.37 -10.47
CA ASN B 146 -13.24 21.50 -11.00
C ASN B 146 -11.87 22.15 -11.09
N ILE B 147 -11.74 23.32 -10.44
CA ILE B 147 -10.46 24.05 -10.39
C ILE B 147 -9.98 23.96 -8.97
N LEU B 148 -8.79 23.40 -8.80
CA LEU B 148 -8.19 23.26 -7.50
C LEU B 148 -7.02 24.21 -7.36
N LEU B 149 -6.92 24.82 -6.20
CA LEU B 149 -5.91 25.82 -5.86
C LEU B 149 -4.92 25.32 -4.82
N GLY B 150 -3.64 25.56 -5.08
CA GLY B 150 -2.57 25.23 -4.15
C GLY B 150 -2.32 26.36 -3.17
N MET B 151 -1.68 26.03 -2.02
CA MET B 151 -1.39 27.03 -0.99
C MET B 151 -0.42 28.14 -1.48
N ASP B 152 0.26 27.92 -2.62
CA ASP B 152 1.15 28.90 -3.28
C ASP B 152 0.39 29.67 -4.42
N GLY B 153 -0.93 29.43 -4.54
CA GLY B 153 -1.75 30.06 -5.57
C GLY B 153 -1.75 29.34 -6.91
N SER B 154 -1.11 28.15 -6.99
CA SER B 154 -1.07 27.34 -8.21
C SER B 154 -2.49 26.96 -8.58
N VAL B 155 -2.75 26.82 -9.91
CA VAL B 155 -4.08 26.49 -10.40
C VAL B 155 -4.09 25.19 -11.21
N LYS B 156 -4.96 24.24 -10.89
CA LYS B 156 -4.98 22.92 -11.58
C LYS B 156 -6.37 22.39 -11.89
N LEU B 157 -6.55 21.83 -13.12
CA LEU B 157 -7.85 21.23 -13.51
C LEU B 157 -7.94 19.87 -12.87
N THR B 158 -9.18 19.50 -12.54
CA THR B 158 -9.58 18.22 -12.00
C THR B 158 -10.91 17.72 -12.62
N ASP B 159 -11.37 16.49 -12.22
CA ASP B 159 -12.64 15.87 -12.65
C ASP B 159 -13.35 15.06 -11.49
N SER B 171 -31.16 10.20 -20.35
CA SER B 171 -31.93 10.07 -21.60
C SER B 171 -32.87 11.27 -21.84
N LYS B 172 -33.57 11.29 -23.01
CA LYS B 172 -34.57 12.29 -23.38
C LYS B 172 -35.80 12.17 -22.46
N ARG B 173 -36.12 10.93 -22.04
CA ARG B 173 -37.22 10.55 -21.14
C ARG B 173 -37.07 11.14 -19.73
N SER B 174 -35.82 11.36 -19.30
CA SER B 174 -35.47 11.92 -18.00
C SER B 174 -35.63 13.43 -17.97
N GLU B 175 -36.05 13.94 -16.83
CA GLU B 175 -36.18 15.38 -16.61
C GLU B 175 -34.83 15.91 -16.21
N MET B 176 -34.66 17.24 -16.28
CA MET B 176 -33.40 17.92 -15.91
C MET B 176 -33.38 18.43 -14.49
N VAL B 177 -32.35 17.98 -13.74
CA VAL B 177 -32.05 18.40 -12.39
C VAL B 177 -30.72 19.15 -12.50
N GLY B 178 -30.71 20.39 -12.06
CA GLY B 178 -29.51 21.20 -12.15
C GLY B 178 -29.34 21.78 -13.53
N THR B 179 -29.01 23.07 -13.61
CA THR B 179 -28.86 23.68 -14.92
C THR B 179 -27.38 23.52 -15.40
N PRO B 180 -27.16 23.06 -16.66
CA PRO B 180 -25.78 22.89 -17.16
C PRO B 180 -25.29 24.23 -17.73
N TYR B 181 -25.13 25.21 -16.83
CA TYR B 181 -24.81 26.60 -17.14
C TYR B 181 -23.50 26.78 -17.91
N TRP B 182 -22.55 25.83 -17.78
CA TRP B 182 -21.24 25.88 -18.43
C TRP B 182 -21.21 25.37 -19.85
N MET B 183 -22.29 24.68 -20.28
CA MET B 183 -22.33 24.05 -21.59
C MET B 183 -22.57 24.98 -22.73
N ALA B 184 -21.75 24.78 -23.76
CA ALA B 184 -21.75 25.50 -25.03
C ALA B 184 -23.06 25.27 -25.78
N PRO B 185 -23.55 26.22 -26.64
CA PRO B 185 -24.80 25.97 -27.39
C PRO B 185 -24.80 24.71 -28.25
N GLU B 186 -23.66 24.34 -28.86
CA GLU B 186 -23.55 23.10 -29.67
C GLU B 186 -23.70 21.83 -28.83
N VAL B 187 -23.34 21.87 -27.52
CA VAL B 187 -23.50 20.74 -26.60
C VAL B 187 -25.00 20.64 -26.28
N VAL B 188 -25.62 21.77 -25.85
CA VAL B 188 -27.03 21.94 -25.47
C VAL B 188 -27.97 21.46 -26.58
N THR B 189 -27.67 21.82 -27.85
CA THR B 189 -28.46 21.45 -29.03
C THR B 189 -28.14 20.03 -29.55
N ARG B 190 -27.32 19.26 -28.77
CA ARG B 190 -26.85 17.87 -28.96
C ARG B 190 -26.19 17.63 -30.37
N LYS B 191 -25.48 18.66 -30.88
CA LYS B 191 -24.72 18.61 -32.14
C LYS B 191 -23.39 17.92 -31.83
N ALA B 192 -22.65 17.47 -32.87
CA ALA B 192 -21.31 16.93 -32.70
C ALA B 192 -20.43 18.14 -32.34
N TYR B 193 -19.53 17.96 -31.38
CA TYR B 193 -18.73 19.10 -30.90
C TYR B 193 -17.24 18.80 -30.70
N GLY B 194 -16.46 19.87 -30.66
CA GLY B 194 -15.01 19.78 -30.53
C GLY B 194 -14.44 20.37 -29.25
N PRO B 195 -13.10 20.53 -29.21
CA PRO B 195 -12.46 21.06 -28.00
C PRO B 195 -12.87 22.48 -27.61
N LYS B 196 -13.40 23.28 -28.56
CA LYS B 196 -13.83 24.66 -28.31
C LYS B 196 -15.03 24.76 -27.35
N VAL B 197 -15.62 23.61 -26.94
CA VAL B 197 -16.68 23.60 -25.93
C VAL B 197 -16.06 23.97 -24.56
N ASP B 198 -14.75 23.66 -24.37
CA ASP B 198 -14.01 23.97 -23.15
C ASP B 198 -13.69 25.46 -23.09
N ILE B 199 -13.54 26.11 -24.26
CA ILE B 199 -13.30 27.56 -24.36
C ILE B 199 -14.55 28.32 -23.92
N TRP B 200 -15.74 27.87 -24.37
CA TRP B 200 -17.03 28.43 -23.98
C TRP B 200 -17.17 28.33 -22.45
N SER B 201 -16.99 27.12 -21.89
CA SER B 201 -17.09 26.85 -20.47
C SER B 201 -16.18 27.76 -19.63
N LEU B 202 -14.95 28.02 -20.12
CA LEU B 202 -13.99 28.90 -19.48
C LEU B 202 -14.54 30.32 -19.46
N GLY B 203 -15.16 30.74 -20.57
CA GLY B 203 -15.82 32.04 -20.68
C GLY B 203 -16.88 32.20 -19.62
N ILE B 204 -17.69 31.14 -19.39
CA ILE B 204 -18.74 31.13 -18.36
C ILE B 204 -18.11 31.19 -16.97
N MET B 205 -16.97 30.49 -16.78
CA MET B 205 -16.25 30.47 -15.51
C MET B 205 -15.68 31.86 -15.19
N ALA B 206 -15.23 32.60 -16.21
CA ALA B 206 -14.75 33.97 -16.05
C ALA B 206 -15.89 34.90 -15.62
N ILE B 207 -17.11 34.68 -16.17
CA ILE B 207 -18.29 35.45 -15.78
C ILE B 207 -18.62 35.15 -14.32
N GLU B 208 -18.57 33.87 -13.95
CA GLU B 208 -18.82 33.44 -12.59
C GLU B 208 -17.83 34.11 -11.64
N MET B 209 -16.53 34.17 -12.01
CA MET B 209 -15.51 34.80 -11.18
C MET B 209 -15.84 36.26 -10.94
N ILE B 210 -16.28 36.98 -11.98
CA ILE B 210 -16.52 38.41 -11.81
C ILE B 210 -17.92 38.70 -11.15
N GLU B 211 -18.94 37.87 -11.42
CA GLU B 211 -20.29 38.03 -10.86
C GLU B 211 -20.46 37.43 -9.43
N GLY B 212 -19.54 36.55 -9.00
CA GLY B 212 -19.60 35.89 -7.70
C GLY B 212 -20.51 34.66 -7.64
N GLU B 213 -21.14 34.26 -8.76
CA GLU B 213 -22.05 33.13 -8.80
C GLU B 213 -22.19 32.67 -10.23
N PRO B 214 -22.50 31.38 -10.46
CA PRO B 214 -22.70 30.94 -11.86
C PRO B 214 -23.94 31.57 -12.48
N PRO B 215 -23.98 31.81 -13.82
CA PRO B 215 -25.19 32.38 -14.43
C PRO B 215 -26.36 31.40 -14.35
N TYR B 216 -27.57 31.86 -14.71
CA TYR B 216 -28.81 31.07 -14.77
C TYR B 216 -29.29 30.48 -13.39
N LEU B 217 -28.84 31.07 -12.26
CA LEU B 217 -29.18 30.66 -10.88
C LEU B 217 -30.65 30.85 -10.53
N ASN B 218 -31.25 31.89 -11.10
CA ASN B 218 -32.65 32.30 -10.96
C ASN B 218 -33.55 31.54 -11.98
N GLU B 219 -32.92 30.84 -12.94
CA GLU B 219 -33.53 30.14 -14.06
C GLU B 219 -33.72 28.64 -13.84
N ASN B 220 -34.87 28.12 -14.34
CA ASN B 220 -35.20 26.69 -14.35
C ASN B 220 -34.29 26.05 -15.41
N PRO B 221 -33.80 24.79 -15.23
CA PRO B 221 -32.88 24.20 -16.24
C PRO B 221 -33.30 24.35 -17.71
N LEU B 222 -34.59 24.09 -18.06
CA LEU B 222 -35.09 24.19 -19.43
C LEU B 222 -35.06 25.59 -20.01
N ARG B 223 -35.36 26.62 -19.18
CA ARG B 223 -35.34 28.03 -19.59
C ARG B 223 -33.89 28.42 -19.88
N ALA B 224 -32.96 27.95 -19.04
CA ALA B 224 -31.51 28.19 -19.19
C ALA B 224 -31.01 27.55 -20.49
N LEU B 225 -31.44 26.28 -20.79
CA LEU B 225 -31.09 25.53 -22.00
C LEU B 225 -31.48 26.32 -23.25
N TYR B 226 -32.72 26.87 -23.27
CA TYR B 226 -33.23 27.68 -24.37
C TYR B 226 -32.37 28.91 -24.53
N LEU B 227 -32.05 29.59 -23.40
CA LEU B 227 -31.26 30.83 -23.37
C LEU B 227 -29.85 30.63 -23.89
N ILE B 228 -29.18 29.52 -23.47
CA ILE B 228 -27.83 29.14 -23.93
C ILE B 228 -27.86 28.92 -25.45
N ALA B 229 -28.81 28.09 -25.94
CA ALA B 229 -28.98 27.72 -27.35
C ALA B 229 -29.30 28.90 -28.26
N THR B 230 -30.08 29.89 -27.78
CA THR B 230 -30.53 30.97 -28.65
C THR B 230 -29.66 32.23 -28.51
N ASN B 231 -29.39 32.69 -27.27
CA ASN B 231 -28.61 33.92 -27.04
C ASN B 231 -27.13 33.63 -26.95
N GLY B 232 -26.84 32.40 -26.50
CA GLY B 232 -25.48 31.97 -26.25
C GLY B 232 -25.05 32.40 -24.87
N THR B 233 -24.21 33.45 -24.85
CA THR B 233 -23.67 34.05 -23.62
C THR B 233 -24.79 34.59 -22.74
N PRO B 234 -24.74 34.42 -21.40
CA PRO B 234 -25.80 35.02 -20.56
C PRO B 234 -25.65 36.53 -20.51
N GLU B 235 -26.77 37.23 -20.18
CA GLU B 235 -26.75 38.68 -20.04
C GLU B 235 -25.96 38.97 -18.79
N LEU B 236 -24.86 39.77 -18.95
CA LEU B 236 -24.02 40.21 -17.84
C LEU B 236 -24.92 41.01 -16.93
N GLN B 237 -24.95 40.64 -15.64
CA GLN B 237 -25.75 41.31 -14.62
C GLN B 237 -25.35 42.79 -14.45
N ASN B 238 -24.05 43.09 -14.57
CA ASN B 238 -23.48 44.43 -14.41
C ASN B 238 -22.32 44.62 -15.41
N PRO B 239 -22.61 44.81 -16.74
CA PRO B 239 -21.52 44.92 -17.74
C PRO B 239 -20.59 46.11 -17.57
N GLU B 240 -21.09 47.21 -16.97
CA GLU B 240 -20.34 48.44 -16.71
C GLU B 240 -19.14 48.22 -15.79
N LYS B 241 -19.23 47.21 -14.92
CA LYS B 241 -18.19 46.81 -13.99
C LYS B 241 -16.99 46.12 -14.65
N LEU B 242 -17.09 45.75 -15.92
CA LEU B 242 -16.00 45.06 -16.62
C LEU B 242 -15.27 46.03 -17.53
N SER B 243 -13.95 45.84 -17.67
CA SER B 243 -13.13 46.64 -18.57
C SER B 243 -13.42 46.20 -20.01
N ALA B 244 -13.08 47.04 -20.98
CA ALA B 244 -13.26 46.73 -22.40
C ALA B 244 -12.42 45.51 -22.81
N ILE B 245 -11.19 45.35 -22.28
CA ILE B 245 -10.28 44.23 -22.57
C ILE B 245 -10.86 42.89 -22.07
N PHE B 246 -11.49 42.89 -20.86
CA PHE B 246 -12.14 41.71 -20.28
C PHE B 246 -13.36 41.34 -21.10
N ARG B 247 -14.19 42.32 -21.46
CA ARG B 247 -15.38 42.11 -22.29
C ARG B 247 -15.02 41.49 -23.65
N ASP B 248 -13.90 41.94 -24.26
CA ASP B 248 -13.41 41.41 -25.52
C ASP B 248 -13.01 39.95 -25.36
N PHE B 249 -12.26 39.61 -24.28
CA PHE B 249 -11.82 38.24 -23.97
C PHE B 249 -13.04 37.32 -23.88
N LEU B 250 -14.06 37.76 -23.13
CA LEU B 250 -15.32 37.05 -22.98
C LEU B 250 -15.98 36.83 -24.35
N ASN B 251 -16.00 37.85 -25.23
CA ASN B 251 -16.60 37.75 -26.57
C ASN B 251 -15.93 36.69 -27.48
N ARG B 252 -14.61 36.54 -27.37
CA ARG B 252 -13.81 35.56 -28.11
C ARG B 252 -14.05 34.14 -27.57
N CYS B 253 -14.35 34.03 -26.25
CA CYS B 253 -14.64 32.78 -25.55
C CYS B 253 -16.05 32.34 -25.86
N LEU B 254 -16.97 33.31 -25.90
CA LEU B 254 -18.40 33.06 -26.03
C LEU B 254 -19.00 33.37 -27.41
N ASP B 255 -18.20 33.13 -28.48
CA ASP B 255 -18.69 33.27 -29.85
C ASP B 255 -19.53 32.04 -30.17
N MET B 256 -20.75 32.22 -30.64
CA MET B 256 -21.64 31.11 -30.94
C MET B 256 -21.20 30.31 -32.19
N ASP B 257 -20.54 30.99 -33.16
CA ASP B 257 -19.95 30.36 -34.34
C ASP B 257 -18.64 29.72 -33.86
N VAL B 258 -18.59 28.37 -33.84
CA VAL B 258 -17.44 27.56 -33.37
C VAL B 258 -16.12 27.93 -34.08
N GLU B 259 -16.14 28.12 -35.42
CA GLU B 259 -14.93 28.49 -36.18
C GLU B 259 -14.41 29.88 -35.77
N LYS B 260 -15.34 30.80 -35.47
CA LYS B 260 -15.05 32.15 -35.01
C LYS B 260 -14.57 32.16 -33.54
N ARG B 261 -15.01 31.20 -32.71
CA ARG B 261 -14.60 31.09 -31.31
C ARG B 261 -13.11 30.78 -31.23
N GLY B 262 -12.41 31.44 -30.30
CA GLY B 262 -10.98 31.27 -30.14
C GLY B 262 -10.58 29.90 -29.67
N SER B 263 -9.39 29.42 -30.10
CA SER B 263 -8.84 28.16 -29.63
C SER B 263 -8.05 28.50 -28.33
N ALA B 264 -7.64 27.48 -27.56
CA ALA B 264 -6.85 27.67 -26.33
C ALA B 264 -5.52 28.34 -26.68
N LYS B 265 -4.85 27.86 -27.73
CA LYS B 265 -3.58 28.39 -28.24
C LYS B 265 -3.68 29.88 -28.63
N GLU B 266 -4.78 30.26 -29.34
CA GLU B 266 -5.03 31.64 -29.77
C GLU B 266 -5.33 32.53 -28.57
N LEU B 267 -6.18 32.04 -27.64
CA LEU B 267 -6.59 32.81 -26.46
C LEU B 267 -5.47 33.05 -25.46
N LEU B 268 -4.42 32.19 -25.48
CA LEU B 268 -3.25 32.37 -24.62
C LEU B 268 -2.47 33.64 -24.98
N GLN B 269 -2.72 34.19 -26.17
CA GLN B 269 -2.11 35.42 -26.70
C GLN B 269 -3.03 36.63 -26.55
N HIS B 270 -4.23 36.47 -25.96
CA HIS B 270 -5.16 37.59 -25.78
C HIS B 270 -4.57 38.63 -24.80
N GLN B 271 -4.84 39.92 -25.07
CA GLN B 271 -4.38 41.10 -24.32
C GLN B 271 -4.81 41.03 -22.85
N PHE B 272 -6.06 40.52 -22.56
CA PHE B 272 -6.59 40.39 -21.20
C PHE B 272 -5.66 39.64 -20.26
N LEU B 273 -5.01 38.59 -20.75
CA LEU B 273 -4.07 37.80 -19.93
C LEU B 273 -2.78 38.57 -19.59
N LYS B 274 -2.51 39.69 -20.30
CA LYS B 274 -1.34 40.51 -20.03
C LYS B 274 -1.53 41.38 -18.77
N ILE B 275 -2.77 41.46 -18.22
CA ILE B 275 -3.05 42.18 -16.96
C ILE B 275 -2.99 41.20 -15.76
N ALA B 276 -2.73 39.90 -16.03
CA ALA B 276 -2.64 38.87 -15.00
C ALA B 276 -1.65 39.21 -13.92
N LYS B 277 -2.09 39.08 -12.67
CA LYS B 277 -1.28 39.32 -11.49
C LYS B 277 -0.50 38.02 -11.16
N PRO B 278 0.58 38.06 -10.33
CA PRO B 278 1.27 36.78 -9.99
C PRO B 278 0.32 35.86 -9.25
N LEU B 279 0.55 34.54 -9.34
CA LEU B 279 -0.34 33.58 -8.67
C LEU B 279 -0.37 33.73 -7.14
N SER B 280 0.66 34.39 -6.56
CA SER B 280 0.73 34.68 -5.13
C SER B 280 -0.45 35.58 -4.69
N SER B 281 -1.01 36.39 -5.64
CA SER B 281 -2.16 37.27 -5.42
C SER B 281 -3.43 36.47 -5.06
N LEU B 282 -3.42 35.15 -5.28
CA LEU B 282 -4.55 34.27 -5.02
C LEU B 282 -4.57 33.70 -3.59
N THR B 283 -3.40 33.65 -2.90
CA THR B 283 -3.29 33.11 -1.53
C THR B 283 -4.13 33.93 -0.50
N PRO B 284 -4.24 35.31 -0.56
CA PRO B 284 -5.16 36.00 0.37
C PRO B 284 -6.62 35.59 0.15
N LEU B 285 -7.01 35.26 -1.11
CA LEU B 285 -8.35 34.81 -1.50
C LEU B 285 -8.66 33.46 -0.87
N ILE B 286 -7.68 32.54 -0.88
CA ILE B 286 -7.77 31.19 -0.29
C ILE B 286 -8.00 31.33 1.23
N ALA B 287 -7.20 32.22 1.89
CA ALA B 287 -7.32 32.51 3.32
C ALA B 287 -8.70 33.07 3.68
N ALA B 288 -9.22 33.97 2.84
CA ALA B 288 -10.54 34.57 3.01
C ALA B 288 -11.63 33.51 2.86
N ALA B 289 -11.57 32.67 1.80
CA ALA B 289 -12.52 31.58 1.54
C ALA B 289 -12.53 30.58 2.69
N LYS B 290 -11.33 30.18 3.19
CA LYS B 290 -11.19 29.30 4.34
C LYS B 290 -11.76 29.88 5.62
N GLU B 291 -11.61 31.20 5.82
CA GLU B 291 -12.15 31.90 6.98
C GLU B 291 -13.68 31.97 6.89
N ALA B 292 -14.23 32.22 5.70
CA ALA B 292 -15.67 32.34 5.49
C ALA B 292 -16.41 31.00 5.57
N THR B 293 -15.74 29.91 5.15
CA THR B 293 -16.34 28.55 5.11
C THR B 293 -16.00 27.67 6.34
N LYS B 294 -15.47 28.27 7.44
CA LYS B 294 -15.14 27.50 8.65
C LYS B 294 -16.36 27.25 9.54
#